data_6UIB
#
_entry.id   6UIB
#
_cell.length_a   73.594
_cell.length_b   94.665
_cell.length_c   101.133
_cell.angle_alpha   90.000
_cell.angle_beta   90.000
_cell.angle_gamma   90.000
#
_symmetry.space_group_name_H-M   'P 21 21 21'
#
loop_
_entity.id
_entity.type
_entity.pdbx_description
1 polymer 'Interleukin-23 subunit alpha'
2 polymer 'Interleukin-12 subunit beta'
3 polymer 'Peptide 23-652'
4 branched 2-acetamido-2-deoxy-beta-D-glucopyranose-(1-4)-2-acetamido-2-deoxy-beta-D-glucopyranose
5 water water
#
loop_
_entity_poly.entity_id
_entity_poly.type
_entity_poly.pdbx_seq_one_letter_code
_entity_poly.pdbx_strand_id
1 'polypeptide(L)'
;DRSLRAVPGGSSPAWTQCQQLSQKLCTLAWSAHPLVGHMDLREEGDEETTNDVPHIQCGDGCDPQGLRDNSQFCLQRIHQ
GLIFYEKLLGSDIFTGEPSLLPDSPVGQLHASLLGLSQLLQPEGHHWETQQIPSLSPSQPWQRLLLRFKILRSLQAFVAV
AARVFAHGAATLSPHHHHHH
;
A
2 'polypeptide(L)'
;DRSLIWELKKDVYVVELDWYPDAPGEMVVLTCDTPEEDGITWTLDQSSEVLGSGKTLTIQVKEFGDAGQYTCHKGGEVLS
HSLLLLHKKEDGIWSTDILKDQKEPKNKTFLRCEAKNYSGRFTCWWLTTISTDLTFSVKSSRGSSDPQGVTCGAATLSAE
RVRGDNKEYEYSVECQEDSACPAAEESLPIEVMVDAVHKLKYENYTSSFFIRDIIKPDPPKNLQLKPLKNSRQVEVSWEY
PDTWSTPHSYFSLTFCVQVQGKSKREKKDRVFTDKTSATVICRKNASISVRAQDRYYSSSWSEWASVPCSHHHHHH
;
B
3 'polypeptide(L)' DTLTKSFCYFGTWCQMYGST C
#
loop_
_chem_comp.id
_chem_comp.type
_chem_comp.name
_chem_comp.formula
NAG D-saccharide, beta linking 2-acetamido-2-deoxy-beta-D-glucopyranose 'C8 H15 N O6'
#
# COMPACT_ATOMS: atom_id res chain seq x y z
N SER A 12 -8.83 16.09 31.42
CA SER A 12 -8.27 15.47 30.21
C SER A 12 -7.26 16.41 29.48
N PRO A 13 -6.52 15.97 28.41
CA PRO A 13 -5.56 16.89 27.74
C PRO A 13 -6.21 17.99 26.90
N ALA A 14 -5.40 19.01 26.49
CA ALA A 14 -5.85 20.11 25.65
C ALA A 14 -6.01 19.52 24.22
N TRP A 15 -7.19 18.93 23.99
CA TRP A 15 -7.58 18.21 22.78
C TRP A 15 -7.35 18.96 21.50
N THR A 16 -7.84 20.22 21.38
CA THR A 16 -7.64 21.02 20.17
C THR A 16 -6.18 21.47 20.01
N GLN A 17 -5.48 21.83 21.11
CA GLN A 17 -4.06 22.20 21.05
C GLN A 17 -3.26 20.99 20.55
N CYS A 18 -3.61 19.79 21.03
CA CYS A 18 -3.00 18.53 20.61
C CYS A 18 -3.35 18.23 19.18
N GLN A 19 -4.60 18.54 18.77
CA GLN A 19 -5.15 18.43 17.42
C GLN A 19 -4.32 19.29 16.47
N GLN A 20 -4.16 20.59 16.78
CA GLN A 20 -3.38 21.58 16.02
C GLN A 20 -1.91 21.16 15.88
N LEU A 21 -1.28 20.71 16.98
CA LEU A 21 0.12 20.27 17.05
C LEU A 21 0.38 18.98 16.32
N SER A 22 -0.48 17.96 16.55
CA SER A 22 -0.33 16.62 15.93
C SER A 22 -0.46 16.71 14.42
N GLN A 23 -1.41 17.54 13.92
CA GLN A 23 -1.61 17.85 12.50
C GLN A 23 -0.30 18.48 11.95
N LYS A 24 0.30 19.45 12.70
CA LYS A 24 1.55 20.12 12.32
C LYS A 24 2.69 19.12 12.24
N LEU A 25 2.69 18.10 13.12
CA LEU A 25 3.70 17.04 13.10
C LEU A 25 3.57 16.29 11.75
N CYS A 26 2.33 16.03 11.29
CA CYS A 26 2.10 15.37 10.02
C CYS A 26 2.69 16.09 8.82
N THR A 27 2.50 17.39 8.73
CA THR A 27 3.02 18.19 7.64
C THR A 27 4.51 18.34 7.77
N LEU A 28 5.06 18.46 9.01
CA LEU A 28 6.49 18.57 9.26
C LEU A 28 7.22 17.28 8.92
N ALA A 29 6.63 16.13 9.28
CA ALA A 29 7.22 14.81 8.98
C ALA A 29 7.21 14.61 7.48
N TRP A 30 6.22 15.19 6.79
CA TRP A 30 6.11 15.09 5.34
C TRP A 30 7.26 15.86 4.68
N SER A 31 7.40 17.16 5.00
CA SER A 31 8.42 18.03 4.46
C SER A 31 9.84 17.52 4.69
N ALA A 32 10.07 16.85 5.85
CA ALA A 32 11.37 16.28 6.23
C ALA A 32 11.70 15.09 5.33
N HIS A 33 10.66 14.40 4.80
CA HIS A 33 10.82 13.24 3.92
C HIS A 33 9.69 13.23 2.89
N PRO A 34 9.67 14.12 1.87
CA PRO A 34 8.52 14.13 0.93
C PRO A 34 8.66 13.05 -0.14
N LEU A 35 8.76 11.79 0.30
CA LEU A 35 9.00 10.67 -0.62
C LEU A 35 7.90 9.61 -0.54
N VAL A 36 7.31 9.30 -1.69
CA VAL A 36 6.21 8.34 -1.89
C VAL A 36 6.70 6.98 -2.46
N GLY A 37 6.34 5.89 -1.79
CA GLY A 37 6.69 4.53 -2.19
C GLY A 37 6.87 3.51 -1.07
N HIS A 38 7.65 2.45 -1.39
CA HIS A 38 7.98 1.32 -0.51
C HIS A 38 9.48 1.02 -0.56
N THR A 50 13.13 -6.71 13.19
CA THR A 50 13.99 -5.55 13.03
C THR A 50 13.21 -4.17 13.15
N ASN A 51 12.09 -4.18 13.92
CA ASN A 51 11.29 -2.99 14.23
C ASN A 51 11.77 -2.53 15.61
N ASP A 52 12.68 -1.52 15.58
CA ASP A 52 13.36 -0.97 16.75
C ASP A 52 12.84 0.41 17.13
N VAL A 53 11.52 0.61 16.96
CA VAL A 53 10.78 1.80 17.35
C VAL A 53 9.47 1.33 17.97
N PRO A 54 8.84 2.11 18.89
CA PRO A 54 7.52 1.72 19.37
C PRO A 54 6.44 2.12 18.34
N HIS A 55 5.49 1.21 18.06
CA HIS A 55 4.40 1.48 17.14
C HIS A 55 3.13 1.58 17.97
N ILE A 56 2.12 2.34 17.49
CA ILE A 56 0.80 2.38 18.12
C ILE A 56 0.10 1.10 17.64
N GLN A 57 0.35 0.00 18.33
CA GLN A 57 -0.19 -1.32 17.96
C GLN A 57 -1.70 -1.39 18.15
N CYS A 58 -2.31 -2.46 17.63
CA CYS A 58 -3.74 -2.72 17.71
C CYS A 58 -4.33 -2.66 19.16
N GLY A 59 -3.64 -3.24 20.13
CA GLY A 59 -4.10 -3.22 21.51
C GLY A 59 -3.68 -2.05 22.39
N ASP A 60 -3.08 -0.98 21.81
CA ASP A 60 -2.67 0.18 22.61
C ASP A 60 -3.85 1.13 22.92
N GLY A 61 -5.03 0.79 22.40
CA GLY A 61 -6.30 1.48 22.64
C GLY A 61 -6.45 2.85 22.03
N CYS A 62 -5.85 3.07 20.83
CA CYS A 62 -5.90 4.35 20.12
C CYS A 62 -6.97 4.43 19.04
N ASP A 63 -7.86 3.43 18.99
CA ASP A 63 -8.94 3.39 18.01
C ASP A 63 -10.16 4.16 18.54
N PRO A 64 -11.09 4.64 17.67
CA PRO A 64 -12.27 5.39 18.17
C PRO A 64 -12.95 4.82 19.42
N GLN A 65 -13.17 3.50 19.49
CA GLN A 65 -13.79 2.86 20.66
C GLN A 65 -12.88 2.89 21.91
N GLY A 66 -11.61 2.56 21.72
CA GLY A 66 -10.61 2.58 22.77
C GLY A 66 -10.47 3.95 23.38
N LEU A 67 -10.62 5.00 22.55
CA LEU A 67 -10.55 6.41 22.95
C LEU A 67 -11.69 6.83 23.90
N ARG A 68 -12.95 6.47 23.58
CA ARG A 68 -14.09 6.75 24.45
C ARG A 68 -13.87 6.01 25.76
N ASP A 69 -13.74 4.66 25.68
CA ASP A 69 -13.58 3.71 26.80
C ASP A 69 -12.48 4.09 27.81
N ASN A 70 -11.24 4.38 27.33
CA ASN A 70 -10.08 4.79 28.13
C ASN A 70 -8.96 5.34 27.24
N SER A 71 -8.97 6.69 27.06
CA SER A 71 -8.06 7.49 26.25
C SER A 71 -6.68 7.66 26.90
N GLN A 72 -6.59 7.55 28.24
CA GLN A 72 -5.34 7.69 28.99
C GLN A 72 -4.30 6.65 28.54
N PHE A 73 -4.78 5.41 28.26
CA PHE A 73 -3.98 4.29 27.78
C PHE A 73 -3.35 4.66 26.44
N CYS A 74 -4.18 5.09 25.46
CA CYS A 74 -3.72 5.55 24.15
C CYS A 74 -2.68 6.64 24.27
N LEU A 75 -2.98 7.68 25.06
CA LEU A 75 -2.10 8.83 25.25
C LEU A 75 -0.75 8.46 25.90
N GLN A 76 -0.73 7.45 26.80
CA GLN A 76 0.53 6.99 27.40
C GLN A 76 1.39 6.31 26.32
N ARG A 77 0.75 5.75 25.26
CA ARG A 77 1.49 5.14 24.15
C ARG A 77 2.04 6.20 23.22
N ILE A 78 1.21 7.23 22.92
CA ILE A 78 1.59 8.37 22.08
C ILE A 78 2.80 9.05 22.74
N HIS A 79 2.72 9.30 24.07
CA HIS A 79 3.83 9.88 24.83
C HIS A 79 5.10 9.02 24.72
N GLN A 80 5.01 7.67 24.92
CA GLN A 80 6.18 6.80 24.81
C GLN A 80 6.86 6.99 23.47
N GLY A 81 6.07 6.91 22.40
CA GLY A 81 6.52 7.06 21.03
C GLY A 81 7.10 8.43 20.74
N LEU A 82 6.48 9.48 21.28
CA LEU A 82 6.97 10.85 21.08
C LEU A 82 8.37 11.04 21.71
N ILE A 83 8.56 10.58 22.98
CA ILE A 83 9.82 10.60 23.72
C ILE A 83 10.86 9.79 22.94
N PHE A 84 10.46 8.65 22.40
CA PHE A 84 11.36 7.81 21.64
C PHE A 84 11.95 8.52 20.42
N TYR A 85 11.09 9.13 19.57
CA TYR A 85 11.53 9.84 18.37
C TYR A 85 12.34 11.10 18.69
N GLU A 86 12.03 11.79 19.83
CA GLU A 86 12.79 12.96 20.30
C GLU A 86 14.25 12.51 20.44
N LYS A 87 14.50 11.42 21.22
CA LYS A 87 15.81 10.83 21.44
C LYS A 87 16.45 10.39 20.12
N LEU A 88 15.68 9.87 19.15
CA LEU A 88 16.28 9.52 17.86
C LEU A 88 16.74 10.79 17.08
N LEU A 89 15.90 11.83 17.04
CA LEU A 89 16.17 13.07 16.31
C LEU A 89 17.35 13.87 16.89
N GLY A 90 17.55 13.77 18.21
CA GLY A 90 18.64 14.45 18.91
C GLY A 90 19.91 13.62 19.00
N SER A 91 19.93 12.47 18.29
CA SER A 91 21.08 11.56 18.30
C SER A 91 22.02 11.79 17.12
N ASP A 92 23.21 11.12 17.17
CA ASP A 92 24.26 11.15 16.14
C ASP A 92 23.72 10.83 14.72
N ILE A 93 22.63 10.01 14.63
CA ILE A 93 22.00 9.69 13.34
C ILE A 93 21.69 11.00 12.60
N PHE A 94 21.18 12.02 13.34
CA PHE A 94 20.83 13.33 12.78
C PHE A 94 21.90 14.42 13.06
N THR A 95 22.63 14.34 14.20
CA THR A 95 23.70 15.31 14.54
C THR A 95 25.08 14.83 14.08
N GLY A 96 25.15 14.07 13.00
CA GLY A 96 26.40 13.54 12.47
C GLY A 96 26.55 13.75 10.98
N GLU A 97 27.76 13.46 10.45
CA GLU A 97 28.06 13.60 9.01
C GLU A 97 27.24 12.61 8.16
N PRO A 98 26.51 13.08 7.12
CA PRO A 98 26.47 14.47 6.61
C PRO A 98 25.47 15.37 7.37
N SER A 99 26.02 16.42 8.00
CA SER A 99 25.31 17.44 8.78
C SER A 99 24.01 17.94 8.11
N LEU A 100 23.00 18.22 8.92
CA LEU A 100 21.73 18.75 8.40
C LEU A 100 21.90 20.21 8.02
N LEU A 101 21.11 20.67 7.03
CA LEU A 101 21.09 22.06 6.58
C LEU A 101 20.45 22.92 7.70
N PRO A 102 20.74 24.25 7.82
CA PRO A 102 20.12 25.03 8.92
C PRO A 102 18.62 25.21 8.72
N ASP A 103 18.21 25.36 7.45
CA ASP A 103 16.84 25.53 6.96
C ASP A 103 16.05 24.19 6.91
N SER A 104 16.38 23.26 7.83
CA SER A 104 15.86 21.89 7.91
C SER A 104 14.53 21.73 8.63
N PRO A 105 13.58 20.96 8.01
CA PRO A 105 12.31 20.64 8.68
C PRO A 105 12.52 19.72 9.87
N VAL A 106 13.61 18.91 9.86
CA VAL A 106 13.99 17.96 10.91
C VAL A 106 14.20 18.68 12.26
N GLY A 107 14.80 19.87 12.20
CA GLY A 107 14.99 20.72 13.37
C GLY A 107 13.66 21.13 13.97
N GLN A 108 12.75 21.64 13.11
CA GLN A 108 11.37 22.07 13.46
C GLN A 108 10.62 20.89 14.05
N LEU A 109 10.76 19.71 13.41
CA LEU A 109 10.13 18.44 13.73
C LEU A 109 10.51 17.96 15.11
N HIS A 110 11.80 18.07 15.47
CA HIS A 110 12.33 17.68 16.79
C HIS A 110 11.66 18.53 17.87
N ALA A 111 11.59 19.84 17.65
CA ALA A 111 10.97 20.79 18.56
C ALA A 111 9.49 20.44 18.77
N SER A 112 8.74 20.16 17.68
CA SER A 112 7.31 19.83 17.72
C SER A 112 6.99 18.57 18.50
N LEU A 113 7.84 17.54 18.40
CA LEU A 113 7.68 16.25 19.12
C LEU A 113 7.79 16.52 20.63
N LEU A 114 8.78 17.37 21.02
CA LEU A 114 9.04 17.80 22.39
C LEU A 114 7.89 18.63 22.93
N GLY A 115 7.34 19.49 22.07
CA GLY A 115 6.21 20.36 22.35
C GLY A 115 4.93 19.59 22.62
N LEU A 116 4.66 18.55 21.84
CA LEU A 116 3.46 17.74 22.05
C LEU A 116 3.61 16.84 23.29
N SER A 117 4.81 16.24 23.49
CA SER A 117 5.07 15.37 24.64
C SER A 117 4.92 16.13 25.94
N GLN A 118 5.33 17.41 25.95
CA GLN A 118 5.21 18.30 27.11
C GLN A 118 3.75 18.65 27.42
N LEU A 119 2.88 18.75 26.39
CA LEU A 119 1.44 19.02 26.55
C LEU A 119 0.71 17.79 27.13
N LEU A 120 1.35 16.61 27.04
CA LEU A 120 0.80 15.34 27.51
C LEU A 120 1.25 14.98 28.93
N GLN A 121 2.56 15.16 29.25
CA GLN A 121 3.20 14.90 30.55
C GLN A 121 3.03 13.47 31.06
N PRO A 140 28.77 4.92 0.08
CA PRO A 140 27.44 4.79 0.68
C PRO A 140 27.42 4.96 2.22
N TRP A 141 26.88 6.13 2.72
CA TRP A 141 26.81 6.49 4.14
C TRP A 141 25.60 5.92 4.88
N GLN A 142 25.90 5.15 5.94
CA GLN A 142 24.99 4.43 6.84
C GLN A 142 23.96 5.35 7.52
N ARG A 143 24.41 6.52 8.03
CA ARG A 143 23.57 7.51 8.72
C ARG A 143 22.41 8.04 7.86
N LEU A 144 22.65 8.22 6.52
CA LEU A 144 21.65 8.70 5.56
C LEU A 144 20.47 7.73 5.44
N LEU A 145 20.74 6.42 5.29
CA LEU A 145 19.71 5.39 5.21
C LEU A 145 18.87 5.28 6.47
N LEU A 146 19.50 5.47 7.65
CA LEU A 146 18.84 5.42 8.97
C LEU A 146 17.82 6.54 9.19
N ARG A 147 18.13 7.76 8.71
CA ARG A 147 17.28 8.96 8.77
C ARG A 147 15.99 8.68 8.00
N PHE A 148 16.14 8.16 6.77
CA PHE A 148 15.02 7.80 5.88
C PHE A 148 14.11 6.82 6.59
N LYS A 149 14.66 5.73 7.17
CA LYS A 149 13.93 4.69 7.89
C LYS A 149 13.11 5.27 9.07
N ILE A 150 13.78 6.05 9.93
CA ILE A 150 13.20 6.69 11.10
C ILE A 150 12.12 7.70 10.70
N LEU A 151 12.38 8.55 9.66
CA LEU A 151 11.41 9.57 9.25
C LEU A 151 10.18 8.97 8.61
N ARG A 152 10.32 7.87 7.85
CA ARG A 152 9.24 7.12 7.19
C ARG A 152 8.37 6.50 8.24
N SER A 153 9.00 5.91 9.24
CA SER A 153 8.35 5.27 10.38
C SER A 153 7.62 6.36 11.21
N LEU A 154 8.30 7.44 11.55
CA LEU A 154 7.76 8.60 12.25
C LEU A 154 6.47 9.07 11.59
N GLN A 155 6.46 9.20 10.24
CA GLN A 155 5.28 9.57 9.43
C GLN A 155 4.01 8.71 9.73
N ALA A 156 4.18 7.40 9.85
CA ALA A 156 3.16 6.40 10.21
C ALA A 156 2.67 6.59 11.65
N PHE A 157 3.61 6.86 12.57
CA PHE A 157 3.28 7.06 13.99
C PHE A 157 2.50 8.34 14.20
N VAL A 158 2.97 9.44 13.65
CA VAL A 158 2.35 10.76 13.81
C VAL A 158 0.96 10.82 13.16
N ALA A 159 0.70 10.02 12.11
CA ALA A 159 -0.59 10.00 11.41
C ALA A 159 -1.67 9.40 12.31
N VAL A 160 -1.34 8.34 13.06
CA VAL A 160 -2.27 7.70 13.96
C VAL A 160 -2.54 8.68 15.12
N ALA A 161 -1.46 9.27 15.71
CA ALA A 161 -1.59 10.23 16.81
C ALA A 161 -2.43 11.43 16.39
N ALA A 162 -2.18 11.98 15.18
CA ALA A 162 -2.97 13.10 14.66
C ALA A 162 -4.45 12.76 14.61
N ARG A 163 -4.82 11.51 14.17
CA ARG A 163 -6.19 11.01 14.09
C ARG A 163 -6.80 10.88 15.51
N VAL A 164 -5.98 10.48 16.49
CA VAL A 164 -6.42 10.30 17.88
C VAL A 164 -6.94 11.64 18.39
N PHE A 165 -6.09 12.67 18.33
CA PHE A 165 -6.36 14.02 18.82
C PHE A 165 -7.46 14.73 18.05
N ALA A 166 -7.63 14.43 16.75
CA ALA A 166 -8.69 15.03 15.93
C ALA A 166 -10.03 14.49 16.35
N HIS A 167 -10.11 13.17 16.59
CA HIS A 167 -11.31 12.48 17.06
C HIS A 167 -11.64 12.95 18.50
N GLY A 168 -10.60 13.01 19.35
CA GLY A 168 -10.68 13.44 20.73
C GLY A 168 -11.28 14.83 20.84
N ALA A 169 -10.82 15.75 19.97
CA ALA A 169 -11.33 17.11 19.92
C ALA A 169 -12.80 17.11 19.49
N ALA A 170 -13.13 16.35 18.46
CA ALA A 170 -14.48 16.27 17.91
C ALA A 170 -15.51 15.56 18.79
N THR A 171 -15.08 14.61 19.64
CA THR A 171 -16.03 13.79 20.41
C THR A 171 -15.85 13.82 21.96
N LEU A 172 -14.77 14.45 22.50
CA LEU A 172 -14.51 14.53 23.96
C LEU A 172 -14.28 15.98 24.43
N LEU B 4 16.56 -28.86 -8.20
CA LEU B 4 15.66 -29.71 -7.44
C LEU B 4 14.17 -29.59 -7.88
N ILE B 5 13.33 -30.54 -7.43
CA ILE B 5 11.89 -30.66 -7.72
C ILE B 5 11.09 -30.50 -6.41
N TRP B 6 9.82 -30.05 -6.52
CA TRP B 6 8.90 -29.84 -5.39
C TRP B 6 7.43 -29.90 -5.81
N GLU B 7 6.51 -30.12 -4.83
CA GLU B 7 5.08 -30.19 -5.09
C GLU B 7 4.46 -28.79 -5.05
N LEU B 8 3.54 -28.50 -5.98
CA LEU B 8 2.83 -27.23 -6.11
C LEU B 8 1.39 -27.45 -5.64
N LYS B 9 0.80 -28.54 -6.13
CA LYS B 9 -0.52 -29.08 -5.82
C LYS B 9 -0.36 -30.61 -5.95
N LYS B 10 -1.38 -31.42 -5.56
CA LYS B 10 -1.26 -32.88 -5.68
C LYS B 10 -1.10 -33.29 -7.15
N ASP B 11 -0.08 -34.13 -7.44
CA ASP B 11 0.31 -34.65 -8.76
C ASP B 11 0.83 -33.55 -9.74
N VAL B 12 1.22 -32.37 -9.18
CA VAL B 12 1.79 -31.22 -9.93
C VAL B 12 3.17 -30.86 -9.34
N TYR B 13 4.20 -30.87 -10.20
CA TYR B 13 5.58 -30.62 -9.76
C TYR B 13 6.29 -29.54 -10.54
N VAL B 14 7.13 -28.76 -9.84
CA VAL B 14 7.92 -27.70 -10.44
C VAL B 14 9.40 -28.15 -10.50
N VAL B 15 9.93 -28.28 -11.73
CA VAL B 15 11.31 -28.66 -11.95
C VAL B 15 12.09 -27.38 -12.22
N GLU B 16 13.04 -27.04 -11.35
CA GLU B 16 13.86 -25.83 -11.51
C GLU B 16 15.07 -26.15 -12.39
N LEU B 17 15.31 -25.35 -13.46
CA LEU B 17 16.47 -25.59 -14.32
C LEU B 17 17.10 -24.32 -14.85
N ASP B 18 18.37 -24.41 -15.30
CA ASP B 18 19.12 -23.32 -15.93
C ASP B 18 19.16 -23.54 -17.46
N ALA B 23 23.53 -27.41 -22.84
CA ALA B 23 22.38 -27.70 -21.97
C ALA B 23 22.61 -28.98 -21.15
N PRO B 24 22.88 -28.90 -19.81
CA PRO B 24 23.10 -30.13 -19.04
C PRO B 24 21.83 -30.88 -18.61
N GLY B 25 20.87 -30.14 -18.08
CA GLY B 25 19.59 -30.66 -17.60
C GLY B 25 19.63 -31.20 -16.19
N GLU B 26 18.44 -31.23 -15.55
CA GLU B 26 18.25 -31.72 -14.18
C GLU B 26 17.64 -33.11 -14.23
N MET B 27 18.26 -34.09 -13.55
CA MET B 27 17.76 -35.46 -13.48
C MET B 27 16.58 -35.51 -12.52
N VAL B 28 15.44 -36.01 -12.99
CA VAL B 28 14.22 -36.10 -12.18
C VAL B 28 13.77 -37.55 -12.07
N VAL B 29 13.57 -38.01 -10.84
CA VAL B 29 13.09 -39.36 -10.58
C VAL B 29 11.58 -39.32 -10.33
N LEU B 30 10.83 -39.95 -11.24
CA LEU B 30 9.38 -40.01 -11.20
C LEU B 30 8.92 -41.34 -10.66
N THR B 31 8.35 -41.33 -9.46
CA THR B 31 7.84 -42.52 -8.81
C THR B 31 6.33 -42.69 -9.06
N CYS B 32 5.92 -43.87 -9.54
CA CYS B 32 4.51 -44.21 -9.84
C CYS B 32 3.77 -44.59 -8.54
N ASP B 33 2.54 -44.03 -8.33
CA ASP B 33 1.72 -44.29 -7.15
C ASP B 33 1.13 -45.71 -7.16
N TRP B 42 5.62 -45.97 -18.99
CA TRP B 42 5.49 -44.51 -18.88
C TRP B 42 5.36 -43.84 -20.27
N THR B 43 4.41 -42.90 -20.42
CA THR B 43 4.19 -42.10 -21.64
C THR B 43 4.08 -40.62 -21.27
N LEU B 44 4.23 -39.72 -22.26
CA LEU B 44 4.11 -38.27 -22.05
C LEU B 44 2.99 -37.67 -22.91
N ASP B 45 2.08 -36.92 -22.26
CA ASP B 45 0.94 -36.22 -22.88
C ASP B 45 0.02 -37.16 -23.68
N GLN B 46 -0.21 -36.88 -24.99
CA GLN B 46 -1.08 -37.66 -25.88
C GLN B 46 -0.51 -39.03 -26.27
N SER B 47 0.74 -39.06 -26.78
CA SER B 47 1.49 -40.23 -27.28
C SER B 47 1.36 -41.54 -26.48
N SER B 48 1.41 -42.67 -27.22
CA SER B 48 1.33 -44.04 -26.70
C SER B 48 2.72 -44.66 -26.56
N GLU B 49 3.75 -44.00 -27.16
CA GLU B 49 5.15 -44.42 -27.15
C GLU B 49 5.67 -44.55 -25.72
N VAL B 50 6.02 -45.78 -25.30
CA VAL B 50 6.54 -46.07 -23.96
C VAL B 50 7.99 -45.62 -23.85
N LEU B 51 8.25 -44.71 -22.91
CA LEU B 51 9.56 -44.08 -22.67
C LEU B 51 10.40 -44.76 -21.57
N GLY B 52 9.82 -45.73 -20.87
CA GLY B 52 10.55 -46.41 -19.80
C GLY B 52 9.78 -47.45 -19.03
N SER B 53 10.54 -48.38 -18.43
CA SER B 53 10.05 -49.48 -17.58
C SER B 53 10.53 -49.28 -16.13
N GLY B 54 9.75 -49.78 -15.18
CA GLY B 54 10.07 -49.67 -13.76
C GLY B 54 9.15 -48.74 -13.00
N LYS B 55 8.95 -49.04 -11.70
CA LYS B 55 8.08 -48.28 -10.78
C LYS B 55 8.49 -46.81 -10.74
N THR B 56 9.79 -46.53 -10.95
CA THR B 56 10.34 -45.17 -11.02
C THR B 56 10.86 -44.88 -12.44
N LEU B 57 11.05 -43.58 -12.77
CA LEU B 57 11.55 -43.14 -14.08
C LEU B 57 12.53 -42.00 -13.99
N THR B 58 13.75 -42.21 -14.51
CA THR B 58 14.76 -41.16 -14.57
C THR B 58 14.63 -40.46 -15.90
N ILE B 59 14.43 -39.15 -15.82
CA ILE B 59 14.23 -38.26 -16.95
C ILE B 59 15.29 -37.18 -16.81
N GLN B 60 15.88 -36.74 -17.91
CA GLN B 60 16.81 -35.62 -17.91
C GLN B 60 15.99 -34.46 -18.43
N VAL B 61 15.60 -33.56 -17.52
CA VAL B 61 14.78 -32.40 -17.88
C VAL B 61 15.70 -31.26 -18.27
N LYS B 62 15.75 -30.97 -19.57
CA LYS B 62 16.60 -29.92 -20.12
C LYS B 62 15.77 -28.86 -20.85
N GLU B 63 14.59 -29.25 -21.35
CA GLU B 63 13.70 -28.38 -22.13
C GLU B 63 12.23 -28.64 -21.86
N PHE B 64 11.36 -27.73 -22.36
CA PHE B 64 9.90 -27.81 -22.22
C PHE B 64 9.31 -29.10 -22.82
N GLY B 65 10.04 -29.71 -23.76
CA GLY B 65 9.68 -30.99 -24.37
C GLY B 65 9.82 -32.13 -23.38
N ASP B 66 10.78 -32.00 -22.44
CA ASP B 66 11.06 -32.95 -21.36
C ASP B 66 10.15 -32.65 -20.16
N ALA B 67 9.04 -31.91 -20.39
CA ALA B 67 8.04 -31.54 -19.37
C ALA B 67 6.63 -31.87 -19.86
N GLY B 68 5.71 -31.99 -18.92
CA GLY B 68 4.31 -32.31 -19.19
C GLY B 68 3.78 -33.37 -18.27
N GLN B 69 2.58 -33.89 -18.57
CA GLN B 69 1.99 -34.94 -17.74
C GLN B 69 2.49 -36.33 -18.13
N TYR B 70 3.40 -36.86 -17.31
CA TYR B 70 3.97 -38.19 -17.46
C TYR B 70 3.04 -39.15 -16.75
N THR B 71 2.62 -40.22 -17.44
CA THR B 71 1.68 -41.21 -16.91
C THR B 71 2.23 -42.65 -17.03
N CYS B 72 2.36 -43.35 -15.87
CA CYS B 72 2.78 -44.74 -15.79
C CYS B 72 1.65 -45.62 -16.27
N HIS B 73 1.88 -46.33 -17.40
CA HIS B 73 0.94 -47.22 -18.08
C HIS B 73 -0.33 -46.50 -18.53
N HIS B 81 -1.24 -38.76 -15.10
CA HIS B 81 -1.14 -39.06 -13.67
C HIS B 81 -0.13 -38.20 -12.90
N SER B 82 0.91 -37.65 -13.57
CA SER B 82 1.93 -36.81 -12.91
C SER B 82 2.42 -35.61 -13.78
N LEU B 83 1.95 -34.38 -13.46
CA LEU B 83 2.33 -33.16 -14.19
C LEU B 83 3.63 -32.54 -13.71
N LEU B 84 4.46 -32.14 -14.67
CA LEU B 84 5.74 -31.48 -14.46
C LEU B 84 5.71 -30.14 -15.21
N LEU B 85 5.91 -29.06 -14.45
CA LEU B 85 5.99 -27.67 -14.94
C LEU B 85 7.42 -27.20 -14.72
N LEU B 86 7.87 -26.22 -15.50
CA LEU B 86 9.26 -25.78 -15.38
C LEU B 86 9.43 -24.41 -14.80
N HIS B 87 10.45 -24.25 -13.94
CA HIS B 87 10.80 -22.95 -13.44
C HIS B 87 12.19 -22.67 -13.97
N LYS B 88 12.25 -22.20 -15.23
CA LYS B 88 13.45 -21.88 -15.98
C LYS B 88 14.21 -20.71 -15.37
N LYS B 89 15.55 -20.70 -15.54
CA LYS B 89 16.46 -19.67 -15.04
C LYS B 89 17.55 -19.38 -16.10
N GLU B 90 17.47 -18.21 -16.79
CA GLU B 90 18.46 -17.79 -17.79
C GLU B 90 19.37 -16.71 -17.22
N ASP B 91 20.69 -16.99 -17.21
CA ASP B 91 21.78 -16.15 -16.68
C ASP B 91 21.58 -15.84 -15.17
N GLY B 92 21.15 -16.86 -14.43
CA GLY B 92 20.92 -16.79 -13.00
C GLY B 92 19.87 -15.80 -12.54
N ILE B 93 18.66 -15.87 -13.14
CA ILE B 93 17.50 -15.02 -12.85
C ILE B 93 16.23 -15.69 -13.40
N TRP B 94 15.29 -16.03 -12.49
CA TRP B 94 14.02 -16.70 -12.82
C TRP B 94 13.22 -15.94 -13.89
N SER B 95 12.51 -16.70 -14.71
CA SER B 95 11.64 -16.25 -15.79
C SER B 95 10.47 -15.35 -15.29
N THR B 96 10.17 -14.24 -16.00
CA THR B 96 9.06 -13.30 -15.73
C THR B 96 8.45 -12.86 -17.06
N ASP B 97 8.02 -13.84 -17.86
CA ASP B 97 7.43 -13.61 -19.19
C ASP B 97 5.91 -13.49 -19.09
N ILE B 98 5.25 -14.37 -18.28
CA ILE B 98 3.78 -14.43 -18.13
C ILE B 98 3.17 -13.07 -17.87
N LEU B 99 3.73 -12.29 -16.90
CA LEU B 99 3.26 -10.95 -16.53
C LEU B 99 4.14 -9.85 -17.13
N LYS B 100 3.51 -8.76 -17.63
CA LYS B 100 4.28 -7.65 -18.17
C LYS B 100 4.54 -6.60 -17.10
N ASP B 101 5.75 -6.02 -17.09
CA ASP B 101 6.15 -4.99 -16.12
C ASP B 101 5.24 -3.74 -16.27
N GLN B 102 4.52 -3.37 -15.20
CA GLN B 102 3.58 -2.24 -15.18
C GLN B 102 4.31 -0.91 -15.29
N ASN B 107 9.88 -0.36 -12.16
CA ASN B 107 10.87 -1.39 -12.45
C ASN B 107 10.60 -2.66 -11.63
N LYS B 108 10.51 -3.82 -12.32
CA LYS B 108 10.19 -5.16 -11.79
C LYS B 108 8.90 -5.16 -10.91
N THR B 109 7.88 -4.38 -11.33
CA THR B 109 6.56 -4.24 -10.71
C THR B 109 5.55 -4.95 -11.62
N PHE B 110 5.16 -6.16 -11.24
CA PHE B 110 4.22 -6.96 -12.02
C PHE B 110 2.86 -7.01 -11.34
N LEU B 111 2.84 -6.69 -10.05
CA LEU B 111 1.64 -6.68 -9.23
C LEU B 111 1.43 -5.24 -8.77
N ARG B 112 0.21 -4.71 -8.97
CA ARG B 112 -0.17 -3.37 -8.52
C ARG B 112 -1.38 -3.58 -7.59
N CYS B 113 -1.30 -3.06 -6.34
CA CYS B 113 -2.34 -3.22 -5.32
C CYS B 113 -2.86 -1.91 -4.80
N GLU B 114 -4.16 -1.84 -4.45
CA GLU B 114 -4.84 -0.65 -3.92
C GLU B 114 -5.85 -0.97 -2.81
N ALA B 115 -6.12 0.00 -1.93
CA ALA B 115 -7.11 -0.10 -0.88
C ALA B 115 -7.93 1.18 -0.89
N LYS B 116 -9.24 1.06 -0.78
CA LYS B 116 -10.21 2.17 -0.76
C LYS B 116 -10.30 2.76 0.63
N ASN B 117 -9.87 2.04 1.67
CA ASN B 117 -9.94 2.44 3.08
C ASN B 117 -8.96 1.57 3.89
N TYR B 118 -9.07 1.60 5.25
CA TYR B 118 -8.24 0.87 6.22
C TYR B 118 -8.83 -0.47 6.74
N SER B 119 -9.91 -0.97 6.11
CA SER B 119 -10.61 -2.20 6.52
C SER B 119 -9.78 -3.50 6.53
N GLY B 120 -8.69 -3.51 5.77
CA GLY B 120 -7.86 -4.69 5.59
C GLY B 120 -8.20 -5.36 4.28
N ARG B 121 -9.11 -4.73 3.53
CA ARG B 121 -9.55 -5.20 2.22
C ARG B 121 -8.79 -4.46 1.14
N PHE B 122 -8.25 -5.21 0.18
CA PHE B 122 -7.49 -4.65 -0.93
C PHE B 122 -7.67 -5.46 -2.21
N THR B 123 -7.26 -4.87 -3.32
CA THR B 123 -7.36 -5.44 -4.65
C THR B 123 -6.01 -5.33 -5.32
N CYS B 124 -5.58 -6.39 -6.02
CA CYS B 124 -4.35 -6.45 -6.80
C CYS B 124 -4.68 -6.80 -8.24
N TRP B 125 -3.96 -6.18 -9.16
CA TRP B 125 -4.13 -6.30 -10.60
C TRP B 125 -2.76 -6.55 -11.23
N TRP B 126 -2.78 -7.32 -12.34
CA TRP B 126 -1.60 -7.62 -13.15
C TRP B 126 -2.03 -7.65 -14.61
N LEU B 127 -1.05 -7.58 -15.52
CA LEU B 127 -1.31 -7.59 -16.96
C LEU B 127 -0.57 -8.71 -17.69
N THR B 128 -1.18 -9.18 -18.79
CA THR B 128 -0.59 -10.24 -19.61
C THR B 128 -0.97 -10.06 -21.08
N THR B 129 -0.25 -10.75 -21.97
CA THR B 129 -0.50 -10.76 -23.43
C THR B 129 -1.15 -12.10 -23.81
N ILE B 130 -1.08 -13.06 -22.88
CA ILE B 130 -1.62 -14.42 -23.02
C ILE B 130 -3.15 -14.45 -22.80
N SER B 131 -3.84 -15.16 -23.72
CA SER B 131 -5.30 -15.32 -23.71
C SER B 131 -5.80 -16.63 -23.07
N THR B 132 -5.15 -17.77 -23.38
CA THR B 132 -5.57 -19.09 -22.88
C THR B 132 -4.44 -19.96 -22.31
N ASP B 133 -4.85 -21.06 -21.63
CA ASP B 133 -4.01 -22.05 -20.93
C ASP B 133 -3.21 -21.36 -19.81
N LEU B 134 -3.89 -20.41 -19.14
CA LEU B 134 -3.34 -19.56 -18.09
C LEU B 134 -4.02 -19.83 -16.75
N THR B 135 -3.24 -20.04 -15.70
CA THR B 135 -3.76 -20.30 -14.36
C THR B 135 -3.06 -19.40 -13.36
N PHE B 136 -3.83 -18.74 -12.48
CA PHE B 136 -3.28 -17.88 -11.44
C PHE B 136 -3.74 -18.33 -10.07
N SER B 137 -2.80 -18.56 -9.13
CA SER B 137 -3.11 -18.89 -7.74
C SER B 137 -2.62 -17.67 -6.91
N VAL B 138 -3.48 -17.11 -6.01
CA VAL B 138 -3.11 -15.93 -5.20
C VAL B 138 -3.20 -16.21 -3.70
N LYS B 139 -2.08 -16.02 -3.00
CA LYS B 139 -2.02 -16.20 -1.56
C LYS B 139 -1.47 -14.93 -0.94
N SER B 140 -1.98 -14.56 0.22
CA SER B 140 -1.52 -13.37 0.91
C SER B 140 -1.39 -13.65 2.40
N SER B 141 -0.66 -12.80 3.12
CA SER B 141 -0.50 -12.92 4.58
C SER B 141 0.10 -11.64 5.14
N ARG B 142 -0.08 -11.37 6.44
CA ARG B 142 0.59 -10.21 7.05
C ARG B 142 1.79 -10.78 7.80
N GLY B 143 2.97 -10.39 7.36
CA GLY B 143 4.22 -10.90 7.89
C GLY B 143 4.67 -12.12 7.13
N SER B 144 5.97 -12.45 7.26
CA SER B 144 6.61 -13.59 6.63
C SER B 144 6.84 -14.70 7.68
N SER B 145 7.38 -14.35 8.87
CA SER B 145 7.53 -15.31 9.98
C SER B 145 6.24 -15.24 10.80
N ASP B 146 5.67 -16.41 11.13
CA ASP B 146 4.34 -16.62 11.75
C ASP B 146 3.33 -15.71 11.04
N PRO B 147 3.15 -15.95 9.72
CA PRO B 147 2.25 -15.08 8.95
C PRO B 147 0.80 -15.11 9.40
N GLN B 148 0.22 -13.91 9.52
CA GLN B 148 -1.17 -13.75 9.91
C GLN B 148 -2.04 -13.85 8.68
N GLY B 149 -3.12 -14.62 8.81
CA GLY B 149 -4.08 -14.90 7.76
C GLY B 149 -4.70 -13.71 7.07
N VAL B 150 -4.76 -13.82 5.75
CA VAL B 150 -5.38 -12.92 4.80
C VAL B 150 -6.09 -13.90 3.89
N THR B 151 -7.38 -13.68 3.60
CA THR B 151 -8.16 -14.51 2.70
C THR B 151 -8.31 -13.83 1.33
N CYS B 152 -7.80 -14.47 0.27
CA CYS B 152 -7.93 -13.98 -1.10
C CYS B 152 -8.96 -14.77 -1.85
N GLY B 153 -9.60 -14.13 -2.83
CA GLY B 153 -10.61 -14.75 -3.67
C GLY B 153 -9.96 -15.28 -4.93
N ALA B 154 -10.75 -15.56 -5.96
CA ALA B 154 -10.18 -16.06 -7.19
C ALA B 154 -9.76 -14.93 -8.14
N ALA B 155 -8.61 -15.10 -8.81
CA ALA B 155 -8.13 -14.15 -9.81
C ALA B 155 -9.02 -14.32 -11.01
N THR B 156 -9.59 -13.22 -11.49
CA THR B 156 -10.54 -13.23 -12.58
C THR B 156 -10.24 -12.16 -13.62
N LEU B 157 -10.39 -12.46 -14.91
CA LEU B 157 -10.20 -11.47 -15.98
C LEU B 157 -11.24 -10.34 -15.81
N SER B 158 -10.74 -9.10 -15.70
CA SER B 158 -11.52 -7.91 -15.44
C SER B 158 -11.51 -6.87 -16.56
N ALA B 159 -10.52 -6.90 -17.48
CA ALA B 159 -10.37 -5.93 -18.57
C ALA B 159 -9.48 -6.36 -19.74
N GLU B 160 -9.77 -5.84 -20.94
CA GLU B 160 -9.05 -6.06 -22.20
C GLU B 160 -8.77 -4.66 -22.81
N ARG B 161 -7.53 -4.41 -23.29
CA ARG B 161 -7.16 -3.12 -23.89
C ARG B 161 -6.17 -3.26 -25.04
N VAL B 162 -6.26 -2.34 -26.05
CA VAL B 162 -5.39 -2.30 -27.23
C VAL B 162 -4.33 -1.22 -27.03
N GLU B 168 -3.67 -7.22 -24.65
CA GLU B 168 -3.40 -6.91 -23.24
C GLU B 168 -4.62 -7.19 -22.35
N TYR B 169 -4.45 -8.19 -21.48
CA TYR B 169 -5.47 -8.70 -20.57
C TYR B 169 -5.14 -8.34 -19.11
N GLU B 170 -6.17 -7.95 -18.34
CA GLU B 170 -6.07 -7.57 -16.94
C GLU B 170 -6.86 -8.53 -16.09
N TYR B 171 -6.19 -9.05 -15.04
CA TYR B 171 -6.73 -9.96 -14.04
C TYR B 171 -6.67 -9.21 -12.73
N SER B 172 -7.59 -9.55 -11.83
CA SER B 172 -7.71 -8.89 -10.53
C SER B 172 -8.19 -9.85 -9.48
N VAL B 173 -7.72 -9.62 -8.23
CA VAL B 173 -8.08 -10.42 -7.06
C VAL B 173 -8.40 -9.49 -5.87
N GLU B 174 -9.34 -9.93 -5.01
CA GLU B 174 -9.73 -9.23 -3.80
C GLU B 174 -9.33 -10.07 -2.58
N CYS B 175 -8.51 -9.45 -1.71
CA CYS B 175 -8.02 -10.06 -0.48
C CYS B 175 -8.58 -9.33 0.73
N GLN B 176 -8.65 -9.99 1.89
CA GLN B 176 -9.15 -9.40 3.12
C GLN B 176 -8.35 -9.94 4.32
N GLU B 177 -7.75 -9.04 5.12
CA GLU B 177 -7.00 -9.42 6.33
C GLU B 177 -8.02 -10.01 7.33
N ASP B 178 -7.73 -11.20 7.84
CA ASP B 178 -8.64 -11.95 8.72
C ASP B 178 -8.98 -11.21 10.01
N SER B 179 -7.99 -10.69 10.69
CA SER B 179 -8.24 -9.95 11.92
C SER B 179 -7.55 -8.61 11.73
N ALA B 180 -8.22 -7.72 10.97
CA ALA B 180 -7.75 -6.38 10.62
C ALA B 180 -7.96 -5.44 11.76
N CYS B 181 -7.15 -4.38 11.80
CA CYS B 181 -7.20 -3.40 12.86
C CYS B 181 -6.99 -2.02 12.25
N PRO B 182 -8.05 -1.49 11.55
CA PRO B 182 -7.92 -0.21 10.81
C PRO B 182 -7.17 0.96 11.44
N ALA B 183 -7.26 1.17 12.74
CA ALA B 183 -6.64 2.29 13.41
C ALA B 183 -5.16 2.12 13.78
N ALA B 184 -4.66 0.89 13.85
CA ALA B 184 -3.27 0.65 14.27
C ALA B 184 -2.19 1.19 13.30
N GLU B 185 -0.98 1.33 13.83
CA GLU B 185 0.17 1.72 13.03
C GLU B 185 0.80 0.37 12.64
N GLU B 186 0.62 -0.04 11.38
CA GLU B 186 1.15 -1.30 10.83
C GLU B 186 2.64 -1.25 10.91
N SER B 187 3.27 -2.38 11.23
CA SER B 187 4.72 -2.53 11.36
C SER B 187 5.20 -3.72 10.57
N LEU B 188 4.31 -4.68 10.27
CA LEU B 188 4.60 -5.82 9.40
C LEU B 188 3.81 -5.62 8.12
N PRO B 189 4.44 -5.77 6.94
CA PRO B 189 3.68 -5.54 5.70
C PRO B 189 2.78 -6.70 5.31
N ILE B 190 1.77 -6.42 4.47
CA ILE B 190 0.98 -7.47 3.85
C ILE B 190 1.91 -7.98 2.76
N GLU B 191 1.84 -9.27 2.54
CA GLU B 191 2.63 -9.99 1.56
C GLU B 191 1.66 -10.62 0.59
N VAL B 192 1.80 -10.34 -0.71
CA VAL B 192 0.98 -10.96 -1.77
C VAL B 192 1.92 -11.85 -2.63
N MET B 193 1.50 -13.09 -2.85
CA MET B 193 2.19 -14.11 -3.65
C MET B 193 1.25 -14.65 -4.73
N VAL B 194 1.66 -14.54 -6.00
CA VAL B 194 0.87 -14.99 -7.14
C VAL B 194 1.66 -16.03 -7.93
N ASP B 195 1.08 -17.22 -8.10
CA ASP B 195 1.62 -18.30 -8.91
C ASP B 195 1.06 -18.09 -10.32
N ALA B 196 1.95 -18.09 -11.32
CA ALA B 196 1.55 -17.92 -12.72
C ALA B 196 2.02 -19.14 -13.50
N VAL B 197 1.07 -19.81 -14.19
CA VAL B 197 1.30 -21.02 -14.97
C VAL B 197 0.72 -20.85 -16.38
N HIS B 198 1.60 -20.73 -17.37
CA HIS B 198 1.20 -20.65 -18.77
C HIS B 198 1.69 -21.94 -19.44
N LYS B 199 0.74 -22.90 -19.61
CA LYS B 199 0.92 -24.24 -20.15
C LYS B 199 1.87 -25.02 -19.21
N LEU B 200 3.18 -25.12 -19.57
CA LEU B 200 4.21 -25.84 -18.81
C LEU B 200 5.29 -24.91 -18.21
N LYS B 201 5.06 -23.58 -18.30
CA LYS B 201 5.94 -22.57 -17.73
C LYS B 201 5.37 -22.15 -16.38
N TYR B 202 6.16 -22.30 -15.32
CA TYR B 202 5.77 -21.88 -13.96
C TYR B 202 6.63 -20.71 -13.60
N GLU B 203 5.99 -19.71 -13.02
CA GLU B 203 6.63 -18.49 -12.55
C GLU B 203 5.89 -18.03 -11.31
N ASN B 204 6.59 -17.32 -10.42
CA ASN B 204 5.86 -16.75 -9.30
C ASN B 204 6.22 -15.29 -9.11
N TYR B 205 5.29 -14.54 -8.52
CA TYR B 205 5.39 -13.09 -8.32
C TYR B 205 5.11 -12.73 -6.91
N THR B 206 5.68 -11.63 -6.43
CA THR B 206 5.48 -11.21 -5.04
C THR B 206 5.32 -9.69 -4.91
N SER B 207 4.64 -9.23 -3.84
CA SER B 207 4.45 -7.80 -3.55
C SER B 207 4.34 -7.58 -2.05
N SER B 208 5.04 -6.59 -1.53
CA SER B 208 5.04 -6.24 -0.11
C SER B 208 4.56 -4.80 0.08
N PHE B 209 3.68 -4.57 1.04
CA PHE B 209 3.15 -3.24 1.30
C PHE B 209 2.43 -3.12 2.61
N PHE B 210 2.31 -1.90 3.12
CA PHE B 210 1.48 -1.54 4.27
C PHE B 210 0.20 -0.96 3.59
N ILE B 211 -0.99 -1.26 4.15
CA ILE B 211 -2.26 -0.80 3.57
C ILE B 211 -2.18 0.69 3.33
N ARG B 212 -1.69 1.42 4.34
CA ARG B 212 -1.54 2.87 4.34
C ARG B 212 -0.77 3.39 3.11
N ASP B 213 0.19 2.62 2.62
CA ASP B 213 0.95 2.99 1.43
C ASP B 213 0.18 2.75 0.12
N ILE B 214 -0.81 1.84 0.13
CA ILE B 214 -1.60 1.53 -1.07
C ILE B 214 -3.02 2.15 -1.03
N ILE B 215 -3.25 3.12 -0.13
CA ILE B 215 -4.55 3.78 0.00
C ILE B 215 -4.82 4.75 -1.12
N LYS B 216 -5.94 4.58 -1.80
CA LYS B 216 -6.42 5.53 -2.80
C LYS B 216 -7.91 5.65 -2.50
N PRO B 217 -8.40 6.78 -1.95
CA PRO B 217 -9.85 6.87 -1.70
C PRO B 217 -10.66 6.91 -2.99
N ASP B 218 -11.95 6.58 -2.88
CA ASP B 218 -12.88 6.72 -3.99
C ASP B 218 -13.11 8.23 -4.15
N PRO B 219 -13.68 8.73 -5.28
CA PRO B 219 -13.83 10.17 -5.41
C PRO B 219 -14.86 10.74 -4.45
N PRO B 220 -14.80 12.05 -4.16
CA PRO B 220 -15.87 12.67 -3.36
C PRO B 220 -17.22 12.40 -4.03
N LYS B 221 -18.31 12.26 -3.24
CA LYS B 221 -19.62 11.98 -3.83
C LYS B 221 -20.56 13.18 -3.76
N ASN B 222 -21.64 13.14 -4.58
CA ASN B 222 -22.75 14.10 -4.62
C ASN B 222 -22.24 15.56 -4.74
N LEU B 223 -21.30 15.74 -5.66
CA LEU B 223 -20.68 17.01 -5.98
C LEU B 223 -21.72 17.92 -6.63
N GLN B 224 -22.27 18.84 -5.81
CA GLN B 224 -23.27 19.85 -6.19
C GLN B 224 -22.60 21.23 -6.37
N LEU B 225 -23.29 22.15 -7.07
CA LEU B 225 -22.86 23.53 -7.35
C LEU B 225 -24.03 24.47 -7.11
N LYS B 226 -23.83 25.52 -6.30
CA LYS B 226 -24.91 26.48 -6.04
C LYS B 226 -24.51 27.89 -6.50
N PRO B 227 -25.03 28.38 -7.66
CA PRO B 227 -24.72 29.75 -8.08
C PRO B 227 -25.22 30.75 -7.06
N LEU B 228 -24.45 31.81 -6.81
CA LEU B 228 -24.85 32.84 -5.87
C LEU B 228 -25.38 34.00 -6.65
N LYS B 229 -26.53 34.54 -6.23
CA LYS B 229 -27.24 35.65 -6.88
C LYS B 229 -26.29 36.77 -7.28
N ASN B 230 -26.38 37.24 -8.54
CA ASN B 230 -25.60 38.35 -9.13
C ASN B 230 -24.08 38.25 -8.91
N SER B 231 -23.55 37.04 -8.84
CA SER B 231 -22.14 36.87 -8.58
C SER B 231 -21.58 35.69 -9.36
N ARG B 232 -20.25 35.63 -9.50
CA ARG B 232 -19.56 34.55 -10.20
C ARG B 232 -19.22 33.44 -9.27
N GLN B 233 -19.27 33.70 -7.96
CA GLN B 233 -18.91 32.65 -7.03
C GLN B 233 -20.05 31.65 -6.82
N VAL B 234 -19.67 30.37 -6.73
CA VAL B 234 -20.58 29.23 -6.50
C VAL B 234 -20.16 28.53 -5.20
N GLU B 235 -21.14 27.97 -4.45
CA GLU B 235 -20.86 27.20 -3.25
C GLU B 235 -20.83 25.77 -3.74
N VAL B 236 -19.65 25.16 -3.64
CA VAL B 236 -19.36 23.80 -4.05
C VAL B 236 -19.56 22.95 -2.82
N SER B 237 -20.24 21.84 -2.97
CA SER B 237 -20.51 20.93 -1.85
C SER B 237 -20.44 19.51 -2.37
N TRP B 238 -19.95 18.58 -1.54
CA TRP B 238 -19.76 17.16 -1.82
C TRP B 238 -19.79 16.43 -0.47
N GLU B 239 -19.70 15.10 -0.49
CA GLU B 239 -19.69 14.27 0.72
C GLU B 239 -18.48 13.36 0.66
N TYR B 240 -18.19 12.68 1.78
CA TYR B 240 -17.12 11.70 1.84
C TYR B 240 -17.55 10.49 1.03
N PRO B 241 -16.61 9.75 0.38
CA PRO B 241 -17.03 8.54 -0.33
C PRO B 241 -17.54 7.46 0.64
N ASP B 242 -18.52 6.70 0.17
CA ASP B 242 -19.18 5.64 0.93
C ASP B 242 -18.26 4.55 1.45
N THR B 243 -17.24 4.19 0.66
CA THR B 243 -16.30 3.12 1.04
C THR B 243 -15.23 3.55 2.06
N TRP B 244 -15.05 4.87 2.31
CA TRP B 244 -14.02 5.36 3.22
C TRP B 244 -14.25 5.00 4.71
N SER B 245 -13.15 4.68 5.41
CA SER B 245 -13.08 4.34 6.84
C SER B 245 -13.89 5.26 7.77
N THR B 246 -14.59 4.65 8.74
CA THR B 246 -15.39 5.42 9.68
C THR B 246 -14.89 5.22 11.13
N PRO B 247 -15.02 6.25 11.98
CA PRO B 247 -15.62 7.56 11.71
C PRO B 247 -14.66 8.51 11.01
N HIS B 248 -15.23 9.38 10.15
CA HIS B 248 -14.56 10.44 9.40
C HIS B 248 -13.85 11.39 10.34
N SER B 249 -14.33 11.51 11.59
CA SER B 249 -13.74 12.41 12.58
C SER B 249 -12.41 11.88 13.05
N TYR B 250 -12.18 10.58 12.78
CA TYR B 250 -10.93 9.88 13.07
C TYR B 250 -10.17 9.68 11.73
N PHE B 251 -10.80 9.03 10.75
CA PHE B 251 -10.17 8.83 9.45
C PHE B 251 -10.60 9.99 8.53
N SER B 252 -9.93 11.14 8.68
CA SER B 252 -10.25 12.34 7.91
C SER B 252 -9.56 12.36 6.55
N LEU B 253 -10.17 13.10 5.64
CA LEU B 253 -9.69 13.36 4.29
C LEU B 253 -9.45 14.84 4.09
N THR B 254 -8.55 15.16 3.17
CA THR B 254 -8.29 16.50 2.72
C THR B 254 -8.78 16.52 1.28
N PHE B 255 -9.51 17.58 0.92
CA PHE B 255 -10.05 17.75 -0.42
C PHE B 255 -9.35 18.85 -1.16
N CYS B 256 -9.13 18.62 -2.44
CA CYS B 256 -8.56 19.64 -3.32
C CYS B 256 -9.64 20.10 -4.26
N VAL B 257 -10.07 21.36 -4.15
CA VAL B 257 -11.10 21.94 -5.04
C VAL B 257 -10.37 22.71 -6.13
N GLN B 258 -10.69 22.40 -7.38
CA GLN B 258 -10.03 22.99 -8.52
C GLN B 258 -10.97 23.62 -9.56
N VAL B 259 -10.64 24.85 -9.97
CA VAL B 259 -11.34 25.54 -11.07
C VAL B 259 -10.38 25.53 -12.25
N GLN B 260 -10.83 24.96 -13.35
CA GLN B 260 -10.01 24.85 -14.54
C GLN B 260 -10.87 25.11 -15.78
N GLY B 261 -10.33 25.90 -16.69
CA GLY B 261 -10.95 26.23 -17.97
C GLY B 261 -10.68 25.18 -19.02
N LYS B 262 -10.81 25.57 -20.31
CA LYS B 262 -10.60 24.69 -21.47
C LYS B 262 -9.12 24.30 -21.68
N SER B 263 -8.26 25.30 -22.04
CA SER B 263 -6.83 25.08 -22.31
C SER B 263 -5.93 25.30 -21.08
N LYS B 264 -4.82 24.54 -21.01
CA LYS B 264 -3.85 24.62 -19.92
C LYS B 264 -2.89 25.81 -20.13
N LYS B 267 -5.31 29.17 -15.48
CA LYS B 267 -4.23 28.88 -14.54
C LYS B 267 -4.66 27.80 -13.54
N LYS B 268 -3.74 27.41 -12.61
CA LYS B 268 -4.05 26.45 -11.54
C LYS B 268 -4.85 27.23 -10.48
N ASP B 269 -6.08 26.81 -10.18
CA ASP B 269 -6.90 27.49 -9.16
C ASP B 269 -7.33 26.49 -8.12
N ARG B 270 -6.36 26.06 -7.29
CA ARG B 270 -6.57 25.04 -6.26
C ARG B 270 -6.75 25.57 -4.84
N VAL B 271 -7.64 24.94 -4.07
CA VAL B 271 -7.86 25.21 -2.65
C VAL B 271 -7.93 23.88 -1.94
N PHE B 272 -7.34 23.82 -0.76
CA PHE B 272 -7.32 22.60 0.05
C PHE B 272 -8.10 22.85 1.32
N THR B 273 -8.92 21.87 1.70
CA THR B 273 -9.81 21.99 2.86
C THR B 273 -10.18 20.65 3.48
N ASP B 274 -10.50 20.71 4.77
CA ASP B 274 -10.97 19.59 5.58
C ASP B 274 -12.52 19.59 5.61
N LYS B 275 -13.13 20.74 5.22
CA LYS B 275 -14.57 20.92 5.12
C LYS B 275 -15.07 20.17 3.90
N THR B 276 -16.38 19.88 3.84
CA THR B 276 -16.99 19.19 2.70
C THR B 276 -17.72 20.20 1.79
N SER B 277 -17.26 21.46 1.83
CA SER B 277 -17.74 22.53 0.98
C SER B 277 -16.67 23.61 0.85
N ALA B 278 -16.71 24.34 -0.25
CA ALA B 278 -15.82 25.46 -0.53
C ALA B 278 -16.58 26.41 -1.44
N THR B 279 -16.15 27.68 -1.52
CA THR B 279 -16.80 28.67 -2.41
C THR B 279 -15.77 29.14 -3.42
N VAL B 280 -16.08 29.04 -4.70
CA VAL B 280 -15.11 29.34 -5.77
C VAL B 280 -15.68 30.27 -6.83
N ILE B 281 -14.83 30.80 -7.71
CA ILE B 281 -15.23 31.65 -8.82
C ILE B 281 -15.46 30.81 -10.08
N CYS B 282 -16.68 30.87 -10.63
CA CYS B 282 -17.02 30.12 -11.85
C CYS B 282 -16.91 31.03 -13.05
N ARG B 283 -16.24 30.54 -14.09
CA ARG B 283 -16.08 31.23 -15.37
C ARG B 283 -16.90 30.42 -16.40
N LYS B 284 -16.54 30.44 -17.70
CA LYS B 284 -17.25 29.67 -18.73
C LYS B 284 -16.29 29.14 -19.79
N SER B 287 -15.10 24.82 -15.52
CA SER B 287 -15.20 23.51 -14.86
C SER B 287 -14.60 23.38 -13.42
N ILE B 288 -15.37 22.77 -12.49
CA ILE B 288 -14.99 22.52 -11.09
C ILE B 288 -14.77 21.00 -10.78
N SER B 289 -13.57 20.68 -10.28
CA SER B 289 -13.19 19.32 -9.90
C SER B 289 -12.83 19.27 -8.43
N VAL B 290 -13.11 18.11 -7.77
CA VAL B 290 -12.76 17.84 -6.37
C VAL B 290 -12.09 16.44 -6.25
N ARG B 291 -10.94 16.36 -5.54
CA ARG B 291 -10.27 15.08 -5.30
C ARG B 291 -9.87 14.94 -3.84
N ALA B 292 -9.71 13.70 -3.34
CA ALA B 292 -9.43 13.43 -1.92
C ALA B 292 -8.14 12.66 -1.66
N GLN B 293 -7.53 12.92 -0.49
CA GLN B 293 -6.35 12.23 0.02
C GLN B 293 -6.49 12.20 1.53
N ASP B 294 -5.91 11.18 2.16
CA ASP B 294 -5.89 11.00 3.59
C ASP B 294 -5.27 12.22 4.21
N ARG B 295 -5.91 12.80 5.23
CA ARG B 295 -5.46 14.03 5.88
C ARG B 295 -4.15 13.90 6.67
N TYR B 296 -3.81 12.73 7.19
CA TYR B 296 -2.67 12.66 8.08
C TYR B 296 -1.45 11.92 7.54
N TYR B 297 -1.60 11.31 6.37
CA TYR B 297 -0.54 10.54 5.74
C TYR B 297 -0.64 10.71 4.21
N SER B 298 0.50 11.10 3.57
CA SER B 298 0.54 11.38 2.15
C SER B 298 0.42 10.14 1.27
N SER B 299 -0.79 9.58 1.17
CA SER B 299 -1.07 8.41 0.34
C SER B 299 -1.50 8.88 -1.05
N SER B 300 -2.18 8.05 -1.82
CA SER B 300 -2.53 8.43 -3.18
C SER B 300 -3.73 9.34 -3.24
N TRP B 301 -3.70 10.28 -4.20
CA TRP B 301 -4.83 11.17 -4.44
C TRP B 301 -5.93 10.34 -5.11
N SER B 302 -7.20 10.72 -4.90
CA SER B 302 -8.32 10.03 -5.52
C SER B 302 -8.49 10.55 -6.94
N GLU B 303 -9.35 9.86 -7.67
CA GLU B 303 -9.81 10.28 -8.99
C GLU B 303 -10.68 11.52 -8.74
N TRP B 304 -10.66 12.44 -9.71
CA TRP B 304 -11.45 13.66 -9.61
C TRP B 304 -12.93 13.37 -9.85
N ALA B 305 -13.77 14.06 -9.10
CA ALA B 305 -15.21 14.17 -9.29
C ALA B 305 -15.30 15.58 -9.99
N SER B 306 -16.21 15.79 -10.96
CA SER B 306 -16.33 17.06 -11.68
C SER B 306 -17.74 17.48 -11.97
N VAL B 307 -17.93 18.78 -12.17
CA VAL B 307 -19.19 19.43 -12.52
C VAL B 307 -18.84 20.66 -13.37
N PRO B 308 -19.55 20.91 -14.48
CA PRO B 308 -19.23 22.12 -15.26
C PRO B 308 -19.82 23.36 -14.58
N CYS B 309 -19.24 24.54 -14.88
CA CYS B 309 -19.71 25.82 -14.33
C CYS B 309 -21.06 26.25 -14.94
N THR C 4 10.67 11.14 -4.68
CA THR C 4 10.41 12.47 -4.11
C THR C 4 9.35 13.28 -4.88
N LYS C 5 8.57 14.06 -4.12
CA LYS C 5 7.46 14.86 -4.62
C LYS C 5 7.57 16.32 -4.20
N SER C 6 6.58 17.14 -4.62
CA SER C 6 6.45 18.56 -4.26
C SER C 6 5.79 18.57 -2.88
N PHE C 7 6.01 19.60 -2.05
CA PHE C 7 5.43 19.53 -0.71
C PHE C 7 3.90 19.56 -0.70
N CYS C 8 3.30 20.27 -1.67
CA CYS C 8 1.86 20.40 -1.88
C CYS C 8 1.22 19.12 -2.31
N TYR C 9 2.03 18.10 -2.64
CA TYR C 9 1.53 16.78 -3.02
C TYR C 9 0.70 16.26 -1.86
N PHE C 10 1.12 16.57 -0.60
CA PHE C 10 0.37 16.22 0.59
C PHE C 10 -0.58 17.38 0.76
N GLY C 11 -1.83 17.16 0.43
CA GLY C 11 -2.89 18.17 0.56
C GLY C 11 -2.94 18.94 1.85
N THR C 12 -2.72 18.29 3.05
CA THR C 12 -2.74 19.02 4.34
C THR C 12 -1.61 20.06 4.43
N TRP C 13 -0.42 19.72 3.88
CA TRP C 13 0.72 20.60 3.82
C TRP C 13 0.30 21.79 2.99
N CYS C 14 -0.20 21.54 1.76
CA CYS C 14 -0.69 22.57 0.86
C CYS C 14 -1.75 23.45 1.47
N GLN C 15 -2.65 22.86 2.28
CA GLN C 15 -3.69 23.64 2.95
C GLN C 15 -3.12 24.65 3.91
N MET C 16 -2.07 24.26 4.66
CA MET C 16 -1.42 25.10 5.66
C MET C 16 -0.32 26.04 5.13
N TYR C 17 0.57 25.54 4.26
CA TYR C 17 1.76 26.24 3.77
C TYR C 17 1.76 26.62 2.30
N GLY C 18 0.71 26.29 1.56
CA GLY C 18 0.65 26.60 0.14
C GLY C 18 0.01 27.93 -0.14
C1 NAG D . 8.40 -19.26 -5.85
C2 NAG D . 7.93 -20.13 -4.67
C3 NAG D . 9.09 -20.71 -3.87
C4 NAG D . 10.11 -21.37 -4.79
C5 NAG D . 10.54 -20.39 -5.88
C6 NAG D . 11.52 -20.98 -6.87
C7 NAG D . 5.76 -19.72 -3.65
C8 NAG D . 4.87 -18.66 -3.07
N2 NAG D . 7.04 -19.36 -3.84
O3 NAG D . 8.52 -21.66 -2.96
O4 NAG D . 11.23 -21.88 -4.07
O5 NAG D . 9.39 -19.95 -6.63
O6 NAG D . 10.97 -22.06 -7.59
O7 NAG D . 5.33 -20.83 -3.97
C1 NAG D . 11.33 -23.29 -3.83
C2 NAG D . 12.69 -23.53 -3.19
C3 NAG D . 12.85 -24.93 -2.62
C4 NAG D . 11.67 -25.31 -1.75
C5 NAG D . 10.35 -25.07 -2.49
C6 NAG D . 9.11 -25.29 -1.66
C7 NAG D . 14.68 -22.35 -4.05
C8 NAG D . 15.47 -22.04 -5.29
N2 NAG D . 13.70 -23.25 -4.20
O3 NAG D . 14.04 -24.96 -1.83
O4 NAG D . 11.79 -26.68 -1.32
O5 NAG D . 10.28 -23.71 -2.95
O6 NAG D . 8.89 -24.22 -0.75
O7 NAG D . 14.90 -21.79 -2.97
#